data_8RX8
#
_entry.id   8RX8
#
_cell.length_a   74.340
_cell.length_b   74.340
_cell.length_c   131.330
_cell.angle_alpha   90.000
_cell.angle_beta   90.000
_cell.angle_gamma   90.000
#
_symmetry.space_group_name_H-M   'P 43 21 2'
#
loop_
_entity.id
_entity.type
_entity.pdbx_description
1 polymer 'Probable calcium-binding protein CML18'
2 non-polymer 'CALCIUM ION'
3 water water
#
_entity_poly.entity_id   1
_entity_poly.type   'polypeptide(L)'
_entity_poly.pdbx_seq_one_letter_code
;MSCDGGKPAPAKLGDEQLAELREIFRSFDQNKDGSLTELELGSLLRSLGLKPSQDQLDTLIQKADRNNNGLVEFSEFVAL
VEPDLVKCPYTDDQLKAIFRMFDRDGNGYITAAELAHSMAKLGHALTAEELTGMIKEADRDGDGCIDFQEFVQAITSAAF
DNAWG
;
_entity_poly.pdbx_strand_id   A
#
loop_
_chem_comp.id
_chem_comp.type
_chem_comp.name
_chem_comp.formula
CA non-polymer 'CALCIUM ION' 'Ca 2'
#
# COMPACT_ATOMS: atom_id res chain seq x y z
N GLY A 14 -0.96 -20.06 7.77
CA GLY A 14 -1.72 -20.68 6.70
C GLY A 14 -2.27 -19.67 5.70
N ASP A 15 -2.04 -19.93 4.42
CA ASP A 15 -2.50 -19.04 3.36
C ASP A 15 -3.98 -19.21 3.05
N GLU A 16 -4.60 -20.32 3.47
CA GLU A 16 -6.05 -20.43 3.34
C GLU A 16 -6.76 -19.38 4.18
N GLN A 17 -6.17 -19.02 5.32
CA GLN A 17 -6.67 -17.90 6.10
C GLN A 17 -6.64 -16.61 5.27
N LEU A 18 -5.50 -16.32 4.65
CA LEU A 18 -5.39 -15.19 3.74
C LEU A 18 -6.48 -15.23 2.68
N ALA A 19 -6.74 -16.42 2.14
CA ALA A 19 -7.71 -16.53 1.04
C ALA A 19 -9.10 -16.20 1.53
N GLU A 20 -9.52 -16.77 2.66
CA GLU A 20 -10.83 -16.45 3.22
C GLU A 20 -10.94 -14.97 3.56
N LEU A 21 -9.84 -14.36 4.02
CA LEU A 21 -9.90 -12.94 4.35
C LEU A 21 -10.11 -12.09 3.10
N ARG A 22 -9.37 -12.39 2.02
CA ARG A 22 -9.58 -11.65 0.78
C ARG A 22 -10.96 -11.91 0.20
N GLU A 23 -11.53 -13.10 0.42
CA GLU A 23 -12.88 -13.36 -0.05
C GLU A 23 -13.89 -12.48 0.69
N ILE A 24 -13.80 -12.45 2.02
CA ILE A 24 -14.63 -11.54 2.80
C ILE A 24 -14.46 -10.10 2.30
N PHE A 25 -13.22 -9.72 2.01
CA PHE A 25 -12.93 -8.38 1.49
C PHE A 25 -13.72 -8.11 0.21
N ARG A 26 -13.52 -8.94 -0.81
CA ARG A 26 -14.20 -8.74 -2.09
C ARG A 26 -15.72 -8.80 -1.94
N SER A 27 -16.21 -9.54 -0.94
CA SER A 27 -17.65 -9.57 -0.71
C SER A 27 -18.14 -8.23 -0.19
N PHE A 28 -17.41 -7.66 0.76
CA PHE A 28 -17.81 -6.39 1.36
C PHE A 28 -17.28 -5.20 0.57
N ASP A 29 -16.75 -5.46 -0.63
CA ASP A 29 -16.25 -4.42 -1.52
C ASP A 29 -17.19 -4.28 -2.71
N GLN A 30 -18.35 -3.65 -2.47
CA GLN A 30 -19.37 -3.56 -3.51
C GLN A 30 -18.80 -3.02 -4.80
N ASN A 31 -17.78 -2.17 -4.72
CA ASN A 31 -17.17 -1.54 -5.87
C ASN A 31 -16.15 -2.44 -6.55
N LYS A 32 -15.70 -3.48 -5.84
CA LYS A 32 -14.65 -4.39 -6.31
C LYS A 32 -13.45 -3.65 -6.90
N ASP A 33 -13.11 -2.53 -6.28
CA ASP A 33 -11.93 -1.75 -6.68
C ASP A 33 -10.67 -2.22 -5.95
N GLY A 34 -10.82 -3.05 -4.92
CA GLY A 34 -9.70 -3.53 -4.13
C GLY A 34 -9.41 -2.75 -2.88
N SER A 35 -10.24 -1.77 -2.54
CA SER A 35 -10.02 -0.94 -1.37
C SER A 35 -11.34 -0.72 -0.66
N LEU A 36 -11.31 -0.78 0.66
CA LEU A 36 -12.50 -0.61 1.48
C LEU A 36 -12.67 0.86 1.87
N THR A 37 -13.91 1.35 1.83
CA THR A 37 -14.19 2.73 2.15
C THR A 37 -14.59 2.84 3.63
N GLU A 38 -15.12 4.00 4.02
CA GLU A 38 -15.65 4.16 5.37
C GLU A 38 -16.88 3.30 5.58
N LEU A 39 -17.83 3.38 4.64
CA LEU A 39 -19.09 2.66 4.77
C LEU A 39 -18.87 1.16 4.77
N GLU A 40 -18.07 0.65 3.83
CA GLU A 40 -17.84 -0.78 3.74
C GLU A 40 -17.08 -1.32 4.96
N LEU A 41 -16.08 -0.58 5.44
CA LEU A 41 -15.37 -1.03 6.64
C LEU A 41 -16.30 -1.09 7.83
N GLY A 42 -17.10 -0.02 8.03
CA GLY A 42 -18.06 -0.04 9.12
C GLY A 42 -19.07 -1.16 8.98
N SER A 43 -19.47 -1.46 7.74
CA SER A 43 -20.47 -2.50 7.50
C SER A 43 -19.89 -3.89 7.77
N LEU A 44 -18.64 -4.11 7.37
CA LEU A 44 -17.97 -5.37 7.70
C LEU A 44 -17.89 -5.54 9.21
N LEU A 45 -17.43 -4.50 9.90
CA LEU A 45 -17.24 -4.61 11.34
C LEU A 45 -18.59 -4.84 12.02
N ARG A 46 -19.67 -4.31 11.43
CA ARG A 46 -21.00 -4.55 11.98
C ARG A 46 -21.47 -5.96 11.66
N SER A 47 -21.03 -6.50 10.51
CA SER A 47 -21.33 -7.88 10.15
C SER A 47 -20.73 -8.83 11.16
N LEU A 48 -19.59 -8.47 11.75
CA LEU A 48 -19.00 -9.29 12.80
C LEU A 48 -19.49 -8.89 14.19
N GLY A 49 -20.56 -8.10 14.27
CA GLY A 49 -21.16 -7.68 15.53
C GLY A 49 -20.30 -6.74 16.36
N LEU A 50 -19.92 -5.61 15.76
CA LEU A 50 -19.16 -4.56 16.42
C LEU A 50 -19.82 -3.24 16.10
N LYS A 51 -20.27 -2.52 17.12
CA LYS A 51 -20.87 -1.20 16.98
C LYS A 51 -19.77 -0.16 16.80
N PRO A 52 -19.46 0.28 15.57
CA PRO A 52 -18.36 1.21 15.39
C PRO A 52 -18.78 2.68 15.41
N SER A 53 -18.18 3.46 16.29
CA SER A 53 -18.45 4.89 16.28
C SER A 53 -17.69 5.53 15.12
N GLN A 54 -18.22 6.62 14.58
CA GLN A 54 -17.49 7.32 13.54
C GLN A 54 -16.07 7.62 13.99
N ASP A 55 -15.87 7.73 15.31
CA ASP A 55 -14.56 7.98 15.88
C ASP A 55 -13.70 6.73 15.77
N GLN A 56 -14.20 5.59 16.27
CA GLN A 56 -13.45 4.35 16.11
C GLN A 56 -13.17 4.09 14.62
N LEU A 57 -14.24 4.05 13.81
CA LEU A 57 -14.10 3.84 12.37
C LEU A 57 -12.99 4.71 11.77
N ASP A 58 -12.83 5.92 12.30
CA ASP A 58 -11.87 6.84 11.70
C ASP A 58 -10.48 6.59 12.25
N THR A 59 -10.35 6.49 13.57
CA THR A 59 -9.05 6.11 14.15
C THR A 59 -8.50 4.87 13.47
N LEU A 60 -9.36 3.88 13.22
CA LEU A 60 -8.97 2.68 12.50
C LEU A 60 -8.43 3.01 11.11
N ILE A 61 -9.20 3.79 10.34
CA ILE A 61 -8.74 4.19 9.02
C ILE A 61 -7.36 4.85 9.11
N GLN A 62 -7.20 5.75 10.09
CA GLN A 62 -5.94 6.44 10.28
C GLN A 62 -4.82 5.49 10.69
N LYS A 63 -5.17 4.36 11.32
CA LYS A 63 -4.17 3.38 11.72
C LYS A 63 -3.77 2.46 10.60
N ALA A 64 -4.55 2.41 9.53
CA ALA A 64 -4.30 1.45 8.46
C ALA A 64 -3.85 2.12 7.18
N ASP A 65 -4.51 3.21 6.80
CA ASP A 65 -4.22 3.91 5.56
C ASP A 65 -2.76 4.36 5.54
N ARG A 66 -1.84 3.47 5.14
CA ARG A 66 -0.43 3.84 5.14
C ARG A 66 -0.06 4.66 3.92
N ASN A 67 -0.71 4.40 2.79
CA ASN A 67 -0.48 5.17 1.58
C ASN A 67 -1.18 6.52 1.62
N ASN A 68 -1.93 6.80 2.69
CA ASN A 68 -2.73 8.02 2.83
C ASN A 68 -3.71 8.17 1.66
N ASN A 69 -4.07 7.05 1.05
CA ASN A 69 -5.03 7.05 -0.05
C ASN A 69 -6.39 7.60 0.40
N GLY A 70 -6.87 7.12 1.55
CA GLY A 70 -8.19 7.43 2.05
C GLY A 70 -9.08 6.22 2.09
N LEU A 71 -8.63 5.11 1.54
CA LEU A 71 -9.35 3.85 1.53
C LEU A 71 -8.41 2.77 2.03
N VAL A 72 -8.97 1.74 2.67
CA VAL A 72 -8.16 0.66 3.23
C VAL A 72 -8.06 -0.46 2.20
N GLU A 73 -6.85 -0.79 1.79
CA GLU A 73 -6.59 -1.83 0.82
C GLU A 73 -6.30 -3.13 1.56
N PHE A 74 -6.33 -4.25 0.82
CA PHE A 74 -6.16 -5.55 1.48
C PHE A 74 -4.85 -5.62 2.24
N SER A 75 -3.78 -5.04 1.69
CA SER A 75 -2.49 -5.06 2.38
C SER A 75 -2.59 -4.31 3.71
N GLU A 76 -3.23 -3.14 3.72
CA GLU A 76 -3.38 -2.39 4.96
C GLU A 76 -4.21 -3.16 5.97
N PHE A 77 -5.27 -3.83 5.49
CA PHE A 77 -6.13 -4.64 6.34
C PHE A 77 -5.33 -5.74 7.05
N VAL A 78 -4.65 -6.57 6.27
CA VAL A 78 -3.86 -7.64 6.86
C VAL A 78 -2.67 -7.09 7.65
N ALA A 79 -2.24 -5.85 7.37
CA ALA A 79 -1.16 -5.25 8.16
C ALA A 79 -1.65 -4.81 9.53
N LEU A 80 -2.88 -4.26 9.60
CA LEU A 80 -3.49 -3.99 10.90
C LEU A 80 -3.81 -5.25 11.67
N VAL A 81 -4.02 -6.38 11.00
CA VAL A 81 -4.48 -7.58 11.68
C VAL A 81 -3.34 -8.52 12.06
N GLU A 82 -2.51 -8.90 11.09
CA GLU A 82 -1.36 -9.78 11.29
C GLU A 82 -0.18 -9.12 10.59
N PRO A 83 0.58 -8.26 11.30
CA PRO A 83 1.66 -7.49 10.64
C PRO A 83 2.58 -8.29 9.73
N ASP A 84 2.96 -9.51 10.11
CA ASP A 84 3.96 -10.23 9.33
C ASP A 84 3.34 -11.18 8.32
N LEU A 85 2.02 -11.24 8.22
CA LEU A 85 1.40 -12.03 7.17
C LEU A 85 1.65 -11.39 5.80
N VAL A 86 1.63 -10.06 5.74
CA VAL A 86 1.99 -9.33 4.54
C VAL A 86 3.50 -9.42 4.37
N LYS A 87 3.99 -10.49 3.77
CA LYS A 87 5.43 -10.73 3.73
C LYS A 87 5.99 -10.44 2.35
N CYS A 88 7.23 -9.95 2.35
CA CYS A 88 7.89 -9.51 1.12
C CYS A 88 8.25 -10.69 0.25
N PRO A 89 7.92 -10.67 -1.05
CA PRO A 89 8.19 -11.84 -1.88
C PRO A 89 9.64 -11.94 -2.34
N TYR A 90 10.39 -10.84 -2.29
CA TYR A 90 11.77 -10.79 -2.75
C TYR A 90 12.71 -10.80 -1.54
N THR A 91 13.96 -10.42 -1.76
CA THR A 91 14.97 -10.32 -0.71
C THR A 91 15.45 -8.88 -0.62
N ASP A 92 16.08 -8.55 0.51
CA ASP A 92 16.60 -7.18 0.66
C ASP A 92 17.72 -6.90 -0.33
N ASP A 93 18.47 -7.93 -0.74
CA ASP A 93 19.53 -7.74 -1.72
C ASP A 93 18.94 -7.43 -3.10
N GLN A 94 17.90 -8.15 -3.50
CA GLN A 94 17.28 -7.89 -4.79
C GLN A 94 16.61 -6.52 -4.80
N LEU A 95 15.92 -6.18 -3.70
CA LEU A 95 15.24 -4.91 -3.68
C LEU A 95 16.27 -3.79 -3.61
N LYS A 96 17.44 -4.07 -3.03
CA LYS A 96 18.50 -3.08 -2.98
C LYS A 96 19.04 -2.83 -4.38
N ALA A 97 19.19 -3.91 -5.16
CA ALA A 97 19.61 -3.76 -6.55
C ALA A 97 18.61 -2.92 -7.33
N ILE A 98 17.31 -3.12 -7.07
CA ILE A 98 16.32 -2.36 -7.84
C ILE A 98 16.31 -0.92 -7.36
N PHE A 99 16.53 -0.69 -6.06
CA PHE A 99 16.52 0.68 -5.56
C PHE A 99 17.75 1.41 -6.09
N ARG A 100 18.81 0.66 -6.39
CA ARG A 100 20.00 1.25 -6.99
C ARG A 100 19.69 1.63 -8.42
N MET A 101 19.01 0.73 -9.13
CA MET A 101 18.52 1.00 -10.47
C MET A 101 17.71 2.30 -10.50
N PHE A 102 16.92 2.56 -9.45
CA PHE A 102 16.06 3.75 -9.45
C PHE A 102 16.80 5.00 -9.01
N ASP A 103 17.43 4.96 -7.84
CA ASP A 103 18.25 6.07 -7.39
C ASP A 103 19.51 6.10 -8.23
N ARG A 104 19.48 6.84 -9.34
CA ARG A 104 20.62 6.81 -10.25
C ARG A 104 21.83 7.53 -9.64
N ASP A 105 21.62 8.67 -8.99
CA ASP A 105 22.71 9.39 -8.34
C ASP A 105 23.21 8.67 -7.10
N GLY A 106 22.55 7.57 -6.72
CA GLY A 106 22.97 6.75 -5.59
C GLY A 106 23.22 7.46 -4.28
N ASN A 107 22.42 8.48 -3.97
CA ASN A 107 22.57 9.19 -2.70
C ASN A 107 21.72 8.60 -1.59
N GLY A 108 21.00 7.50 -1.85
CA GLY A 108 20.13 6.92 -0.86
C GLY A 108 18.70 7.43 -0.88
N TYR A 109 18.36 8.36 -1.77
CA TYR A 109 17.01 8.89 -1.88
C TYR A 109 16.58 8.93 -3.33
N ILE A 110 15.33 8.55 -3.58
CA ILE A 110 14.73 8.63 -4.91
C ILE A 110 13.96 9.94 -4.99
N THR A 111 14.50 10.90 -5.74
CA THR A 111 13.80 12.15 -5.96
C THR A 111 12.64 11.94 -6.94
N ALA A 112 11.74 12.93 -6.98
CA ALA A 112 10.68 12.91 -8.00
C ALA A 112 11.26 12.96 -9.40
N ALA A 113 12.41 13.63 -9.57
CA ALA A 113 13.06 13.67 -10.87
C ALA A 113 13.58 12.29 -11.26
N GLU A 114 14.26 11.61 -10.34
CA GLU A 114 14.74 10.26 -10.62
C GLU A 114 13.58 9.30 -10.84
N LEU A 115 12.52 9.42 -10.04
CA LEU A 115 11.36 8.54 -10.22
C LEU A 115 10.71 8.77 -11.59
N ALA A 116 10.62 10.03 -12.02
CA ALA A 116 10.00 10.33 -13.30
C ALA A 116 10.86 9.83 -14.45
N HIS A 117 12.18 10.04 -14.36
CA HIS A 117 13.09 9.54 -15.38
C HIS A 117 13.07 8.02 -15.45
N SER A 118 12.97 7.35 -14.30
CA SER A 118 12.93 5.90 -14.26
C SER A 118 11.64 5.37 -14.87
N MET A 119 10.49 5.88 -14.42
CA MET A 119 9.21 5.50 -15.02
C MET A 119 9.15 5.85 -16.50
N ALA A 120 9.95 6.83 -16.94
CA ALA A 120 10.03 7.14 -18.36
C ALA A 120 10.78 6.05 -19.11
N LYS A 121 11.97 5.68 -18.61
CA LYS A 121 12.65 4.50 -19.14
C LYS A 121 11.74 3.27 -19.16
N LEU A 122 10.84 3.17 -18.19
CA LEU A 122 9.90 2.06 -18.12
C LEU A 122 8.68 2.24 -19.01
N GLY A 123 8.73 3.19 -19.95
CA GLY A 123 7.63 3.42 -20.87
C GLY A 123 6.34 3.89 -20.24
N HIS A 124 6.37 4.26 -18.98
CA HIS A 124 5.17 4.66 -18.27
C HIS A 124 5.22 6.18 -18.22
N ALA A 125 4.60 6.80 -19.22
CA ALA A 125 4.60 8.25 -19.36
C ALA A 125 3.70 8.82 -18.27
N LEU A 126 4.28 8.99 -17.09
CA LEU A 126 3.52 9.47 -15.96
C LEU A 126 3.19 10.95 -16.13
N THR A 127 2.19 11.40 -15.37
CA THR A 127 1.84 12.80 -15.31
C THR A 127 2.28 13.35 -13.97
N ALA A 128 2.26 14.69 -13.86
CA ALA A 128 2.64 15.32 -12.60
C ALA A 128 1.76 14.81 -11.46
N GLU A 129 0.48 14.57 -11.74
CA GLU A 129 -0.43 14.09 -10.70
C GLU A 129 -0.15 12.63 -10.36
N GLU A 130 0.16 11.81 -11.37
CA GLU A 130 0.51 10.41 -11.11
C GLU A 130 1.78 10.31 -10.28
N LEU A 131 2.78 11.14 -10.60
CA LEU A 131 4.03 11.13 -9.83
C LEU A 131 3.80 11.64 -8.41
N THR A 132 2.99 12.70 -8.27
CA THR A 132 2.61 13.17 -6.94
C THR A 132 1.94 12.07 -6.13
N GLY A 133 1.03 11.32 -6.75
CA GLY A 133 0.37 10.23 -6.06
C GLY A 133 1.34 9.12 -5.67
N MET A 134 2.22 8.73 -6.59
CA MET A 134 3.23 7.72 -6.26
C MET A 134 4.12 8.17 -5.11
N ILE A 135 4.40 9.47 -5.02
CA ILE A 135 5.17 9.96 -3.90
C ILE A 135 4.30 10.07 -2.64
N LYS A 136 3.13 10.70 -2.76
CA LYS A 136 2.21 10.82 -1.63
C LYS A 136 1.83 9.47 -1.05
N GLU A 137 1.85 8.42 -1.87
CA GLU A 137 1.51 7.08 -1.40
C GLU A 137 2.71 6.36 -0.79
N ALA A 138 3.88 6.45 -1.42
CA ALA A 138 5.05 5.72 -0.96
C ALA A 138 5.90 6.49 0.04
N ASP A 139 5.79 7.81 0.08
CA ASP A 139 6.58 8.62 1.01
C ASP A 139 5.88 8.70 2.36
N ARG A 140 6.62 8.38 3.42
CA ARG A 140 6.11 8.31 4.78
C ARG A 140 6.70 9.38 5.68
N ASP A 141 8.02 9.55 5.67
CA ASP A 141 8.67 10.56 6.50
C ASP A 141 8.53 11.97 5.95
N GLY A 142 7.89 12.14 4.79
CA GLY A 142 7.50 13.45 4.32
C GLY A 142 8.58 14.32 3.73
N ASP A 143 9.76 13.78 3.46
CA ASP A 143 10.84 14.61 2.93
C ASP A 143 10.70 14.93 1.46
N GLY A 144 9.76 14.28 0.75
CA GLY A 144 9.55 14.48 -0.66
C GLY A 144 10.18 13.44 -1.54
N CYS A 145 11.25 12.79 -1.06
CA CYS A 145 11.90 11.72 -1.79
C CYS A 145 11.50 10.37 -1.19
N ILE A 146 12.21 9.32 -1.57
CA ILE A 146 11.90 7.96 -1.12
C ILE A 146 13.22 7.28 -0.80
N ASP A 147 13.37 6.86 0.46
CA ASP A 147 14.55 6.09 0.84
C ASP A 147 14.28 4.60 0.65
N PHE A 148 15.25 3.77 1.04
CA PHE A 148 15.14 2.34 0.80
C PHE A 148 14.06 1.69 1.67
N GLN A 149 13.90 2.18 2.91
CA GLN A 149 12.87 1.64 3.79
C GLN A 149 11.48 1.87 3.21
N GLU A 150 11.18 3.13 2.85
CA GLU A 150 9.89 3.42 2.22
C GLU A 150 9.76 2.69 0.89
N PHE A 151 10.87 2.49 0.19
CA PHE A 151 10.85 1.75 -1.07
C PHE A 151 10.37 0.33 -0.85
N VAL A 152 10.95 -0.37 0.12
CA VAL A 152 10.54 -1.73 0.42
C VAL A 152 9.11 -1.76 0.93
N GLN A 153 8.73 -0.82 1.79
CA GLN A 153 7.34 -0.73 2.24
C GLN A 153 6.39 -0.64 1.06
N ALA A 154 6.69 0.24 0.11
CA ALA A 154 5.81 0.45 -1.03
C ALA A 154 5.72 -0.80 -1.89
N ILE A 155 6.86 -1.40 -2.24
CA ILE A 155 6.79 -2.51 -3.17
C ILE A 155 6.19 -3.75 -2.51
N THR A 156 6.43 -3.94 -1.20
CA THR A 156 5.85 -5.10 -0.53
C THR A 156 4.36 -4.93 -0.31
N SER A 157 3.91 -3.71 -0.06
CA SER A 157 2.46 -3.49 0.06
C SER A 157 1.76 -3.70 -1.28
N ALA A 158 2.42 -3.32 -2.38
CA ALA A 158 1.79 -3.46 -3.70
C ALA A 158 1.93 -4.87 -4.24
N ALA A 159 3.05 -5.54 -4.00
CA ALA A 159 3.21 -6.92 -4.45
C ALA A 159 2.21 -7.82 -3.75
N PHE A 160 1.99 -7.61 -2.46
CA PHE A 160 1.04 -8.42 -1.71
C PHE A 160 -0.39 -8.20 -2.21
N ASP A 161 -0.68 -7.00 -2.72
CA ASP A 161 -2.02 -6.73 -3.23
C ASP A 161 -2.27 -7.44 -4.56
N ASN A 162 -1.28 -7.43 -5.46
CA ASN A 162 -1.44 -8.11 -6.74
C ASN A 162 -1.43 -9.62 -6.60
N ALA A 163 -0.90 -10.15 -5.49
CA ALA A 163 -0.93 -11.59 -5.27
C ALA A 163 -2.31 -12.06 -4.86
N TRP A 164 -3.02 -11.27 -4.04
CA TRP A 164 -4.28 -11.73 -3.46
C TRP A 164 -5.52 -11.04 -4.03
N GLY A 165 -5.36 -9.91 -4.70
CA GLY A 165 -6.49 -9.25 -5.33
C GLY A 165 -7.16 -10.09 -6.40
CA CA B . -5.01 3.15 1.51
CA CA C . 10.42 10.04 2.02
CA CA D . 18.54 11.13 -5.69
CA CA E . -13.92 0.81 -2.09
#